data_2LZ5
#
_entry.id   2LZ5
#
_entity_poly.entity_id   1
_entity_poly.type   'polypeptide(L)'
_entity_poly.pdbx_seq_one_letter_code
;GCCSDPPCRNKHPDLC(NH2)
;
_entity_poly.pdbx_strand_id   A
#
# COMPACT_ATOMS: atom_id res chain seq x y z
N GLY A 1 0.28 -5.38 -8.26
CA GLY A 1 0.23 -5.58 -6.82
C GLY A 1 0.22 -4.26 -6.09
N CYS A 2 -0.93 -3.88 -5.60
CA CYS A 2 -1.13 -2.60 -4.93
C CYS A 2 -0.28 -2.53 -3.69
N CYS A 3 -0.39 -3.52 -2.86
CA CYS A 3 0.32 -3.51 -1.58
C CYS A 3 1.82 -3.81 -1.75
N SER A 4 2.23 -4.10 -2.97
CA SER A 4 3.62 -4.28 -3.27
C SER A 4 4.19 -2.98 -3.86
N ASP A 5 3.29 -2.09 -4.26
CA ASP A 5 3.63 -0.82 -4.85
C ASP A 5 3.54 0.27 -3.79
N PRO A 6 4.65 0.95 -3.46
CA PRO A 6 4.71 1.95 -2.37
C PRO A 6 3.57 3.01 -2.36
N PRO A 7 3.24 3.72 -3.48
CA PRO A 7 2.12 4.70 -3.47
C PRO A 7 0.76 4.02 -3.23
N CYS A 8 0.69 2.76 -3.57
CA CYS A 8 -0.52 1.98 -3.42
C CYS A 8 -0.46 1.22 -2.07
N ARG A 9 0.55 1.53 -1.27
CA ARG A 9 0.75 0.86 -0.01
C ARG A 9 0.76 1.86 1.13
N ASN A 10 1.58 2.87 0.96
CA ASN A 10 1.78 3.93 1.97
C ASN A 10 0.52 4.76 2.22
N LYS A 11 -0.37 4.77 1.26
CA LYS A 11 -1.61 5.47 1.38
C LYS A 11 -2.67 4.56 1.98
N HIS A 12 -2.25 3.35 2.28
CA HIS A 12 -3.14 2.31 2.75
C HIS A 12 -2.51 1.59 3.96
N PRO A 13 -2.24 2.33 5.07
CA PRO A 13 -1.47 1.82 6.21
C PRO A 13 -2.27 0.91 7.14
N ASP A 14 -3.52 0.67 6.80
CA ASP A 14 -4.36 -0.21 7.59
C ASP A 14 -4.09 -1.65 7.22
N LEU A 15 -4.12 -1.92 5.94
CA LEU A 15 -3.86 -3.25 5.46
C LEU A 15 -2.37 -3.43 5.19
N CYS A 16 -1.72 -2.37 4.82
CA CYS A 16 -0.34 -2.39 4.53
C CYS A 16 0.39 -1.41 5.44
N GLY A 1 0.61 -5.26 -7.89
CA GLY A 1 -0.55 -5.01 -7.04
C GLY A 1 -0.44 -3.64 -6.43
N CYS A 2 -1.03 -3.48 -5.26
CA CYS A 2 -1.03 -2.19 -4.59
C CYS A 2 -0.40 -2.35 -3.23
N CYS A 3 -0.71 -3.44 -2.59
CA CYS A 3 -0.25 -3.72 -1.25
C CYS A 3 1.29 -3.86 -1.21
N SER A 4 1.89 -4.20 -2.32
CA SER A 4 3.31 -4.30 -2.43
C SER A 4 3.84 -3.18 -3.36
N ASP A 5 3.01 -2.16 -3.56
CA ASP A 5 3.38 -1.03 -4.42
C ASP A 5 3.45 0.23 -3.57
N PRO A 6 4.68 0.66 -3.19
CA PRO A 6 4.91 1.82 -2.30
C PRO A 6 4.04 3.09 -2.55
N PRO A 7 3.89 3.59 -3.85
CA PRO A 7 3.06 4.76 -4.15
C PRO A 7 1.63 4.65 -3.58
N CYS A 8 1.02 3.48 -3.69
CA CYS A 8 -0.33 3.35 -3.18
C CYS A 8 -0.36 2.63 -1.83
N ARG A 9 0.73 1.99 -1.46
CA ARG A 9 0.83 1.29 -0.18
C ARG A 9 0.70 2.29 0.94
N ASN A 10 1.30 3.43 0.75
CA ASN A 10 1.21 4.55 1.72
C ASN A 10 -0.21 5.07 1.87
N LYS A 11 -1.08 4.70 0.95
CA LYS A 11 -2.47 5.06 0.97
C LYS A 11 -3.26 3.99 1.71
N HIS A 12 -2.60 2.86 1.92
CA HIS A 12 -3.23 1.70 2.53
C HIS A 12 -2.34 1.09 3.64
N PRO A 13 -1.80 1.91 4.61
CA PRO A 13 -0.88 1.39 5.64
C PRO A 13 -1.62 0.56 6.68
N ASP A 14 -2.93 0.62 6.61
CA ASP A 14 -3.81 -0.06 7.50
C ASP A 14 -3.67 -1.57 7.34
N LEU A 15 -3.95 -2.05 6.16
CA LEU A 15 -3.86 -3.45 5.90
C LEU A 15 -2.46 -3.83 5.42
N CYS A 16 -1.81 -2.92 4.74
CA CYS A 16 -0.52 -3.14 4.25
C CYS A 16 0.49 -2.40 5.12
N GLY A 1 0.16 -6.26 -6.61
CA GLY A 1 -0.97 -5.60 -5.98
C GLY A 1 -0.60 -4.21 -5.54
N CYS A 2 -1.52 -3.55 -4.89
CA CYS A 2 -1.34 -2.18 -4.42
C CYS A 2 -0.28 -2.17 -3.36
N CYS A 3 -0.36 -3.13 -2.51
CA CYS A 3 0.56 -3.29 -1.40
C CYS A 3 1.95 -3.72 -1.90
N SER A 4 2.05 -4.05 -3.17
CA SER A 4 3.31 -4.42 -3.76
C SER A 4 3.99 -3.14 -4.30
N ASP A 5 3.25 -2.05 -4.28
CA ASP A 5 3.72 -0.78 -4.78
C ASP A 5 3.70 0.24 -3.66
N PRO A 6 4.87 0.72 -3.21
CA PRO A 6 4.97 1.65 -2.08
C PRO A 6 4.02 2.88 -2.13
N PRO A 7 3.95 3.70 -3.24
CA PRO A 7 3.01 4.85 -3.31
C PRO A 7 1.55 4.41 -3.19
N CYS A 8 1.23 3.23 -3.66
CA CYS A 8 -0.13 2.73 -3.57
C CYS A 8 -0.38 2.23 -2.14
N ARG A 9 0.59 1.48 -1.61
CA ARG A 9 0.54 0.86 -0.27
C ARG A 9 0.47 1.93 0.79
N ASN A 10 1.13 3.01 0.52
CA ASN A 10 1.17 4.21 1.40
C ASN A 10 -0.22 4.78 1.67
N LYS A 11 -1.16 4.49 0.81
CA LYS A 11 -2.51 4.94 0.97
C LYS A 11 -3.31 3.94 1.77
N HIS A 12 -2.70 2.81 2.02
CA HIS A 12 -3.34 1.69 2.66
C HIS A 12 -2.49 1.10 3.82
N PRO A 13 -1.95 1.96 4.76
CA PRO A 13 -1.06 1.48 5.83
C PRO A 13 -1.86 0.74 6.91
N ASP A 14 -3.17 0.88 6.84
CA ASP A 14 -4.07 0.20 7.74
C ASP A 14 -4.03 -1.29 7.49
N LEU A 15 -4.03 -1.66 6.23
CA LEU A 15 -3.98 -3.04 5.88
C LEU A 15 -2.55 -3.52 5.73
N CYS A 16 -1.69 -2.69 5.20
CA CYS A 16 -0.32 -3.00 5.08
C CYS A 16 0.51 -2.06 5.93
N GLY A 1 -1.39 -6.47 -6.15
CA GLY A 1 -1.67 -6.02 -4.78
C GLY A 1 -1.06 -4.66 -4.52
N CYS A 2 -1.75 -3.85 -3.75
CA CYS A 2 -1.34 -2.48 -3.45
C CYS A 2 -0.15 -2.51 -2.52
N CYS A 3 -0.10 -3.55 -1.75
CA CYS A 3 0.98 -3.77 -0.80
C CYS A 3 2.33 -3.94 -1.55
N SER A 4 2.29 -4.30 -2.82
CA SER A 4 3.50 -4.43 -3.61
C SER A 4 3.75 -3.15 -4.41
N ASP A 5 2.92 -2.16 -4.22
CA ASP A 5 3.07 -0.89 -4.91
C ASP A 5 3.22 0.19 -3.86
N PRO A 6 4.47 0.55 -3.52
CA PRO A 6 4.76 1.56 -2.50
C PRO A 6 3.93 2.88 -2.62
N PRO A 7 3.80 3.52 -3.83
CA PRO A 7 3.01 4.74 -3.98
C PRO A 7 1.57 4.59 -3.46
N CYS A 8 0.92 3.45 -3.72
CA CYS A 8 -0.43 3.29 -3.21
C CYS A 8 -0.40 2.75 -1.79
N ARG A 9 0.60 1.92 -1.49
CA ARG A 9 0.76 1.26 -0.19
C ARG A 9 0.79 2.25 0.94
N ASN A 10 1.50 3.32 0.73
CA ASN A 10 1.60 4.41 1.72
C ASN A 10 0.23 5.05 2.02
N LYS A 11 -0.72 4.88 1.13
CA LYS A 11 -2.04 5.40 1.28
C LYS A 11 -2.92 4.36 1.98
N HIS A 12 -2.37 3.18 2.18
CA HIS A 12 -3.13 2.06 2.71
C HIS A 12 -2.41 1.33 3.83
N PRO A 13 -2.16 2.02 4.98
CA PRO A 13 -1.45 1.42 6.13
C PRO A 13 -2.35 0.43 6.85
N ASP A 14 -3.64 0.52 6.55
CA ASP A 14 -4.67 -0.33 7.13
C ASP A 14 -4.36 -1.80 6.88
N LEU A 15 -4.12 -2.14 5.63
CA LEU A 15 -3.84 -3.50 5.27
C LEU A 15 -2.35 -3.74 5.16
N CYS A 16 -1.62 -2.77 4.67
CA CYS A 16 -0.20 -2.95 4.48
C CYS A 16 0.57 -1.69 4.91
N GLY A 1 1.15 -7.23 -5.47
CA GLY A 1 -0.11 -6.54 -5.73
C GLY A 1 0.10 -5.05 -5.67
N CYS A 2 -0.98 -4.29 -5.51
CA CYS A 2 -0.88 -2.83 -5.43
C CYS A 2 -0.38 -2.48 -4.03
N CYS A 3 -0.77 -3.33 -3.12
CA CYS A 3 -0.40 -3.27 -1.71
C CYS A 3 1.12 -3.44 -1.54
N SER A 4 1.75 -3.99 -2.55
CA SER A 4 3.15 -4.26 -2.55
C SER A 4 3.90 -3.09 -3.21
N ASP A 5 3.15 -2.13 -3.71
CA ASP A 5 3.71 -0.99 -4.40
C ASP A 5 3.64 0.23 -3.50
N PRO A 6 4.80 0.84 -3.16
CA PRO A 6 4.91 1.99 -2.22
C PRO A 6 3.82 3.11 -2.36
N PRO A 7 3.58 3.73 -3.56
CA PRO A 7 2.55 4.78 -3.69
C PRO A 7 1.14 4.25 -3.41
N CYS A 8 0.98 2.95 -3.56
CA CYS A 8 -0.30 2.31 -3.35
C CYS A 8 -0.28 1.59 -1.98
N ARG A 9 0.74 1.85 -1.20
CA ARG A 9 0.88 1.26 0.10
C ARG A 9 0.82 2.33 1.15
N ASN A 10 1.42 3.43 0.81
CA ASN A 10 1.46 4.65 1.64
C ASN A 10 0.04 5.16 1.92
N LYS A 11 -0.85 4.85 1.02
CA LYS A 11 -2.23 5.22 1.10
C LYS A 11 -3.05 4.13 1.76
N HIS A 12 -2.41 3.06 2.16
CA HIS A 12 -3.13 1.91 2.71
C HIS A 12 -2.35 1.26 3.86
N PRO A 13 -1.93 2.04 4.89
CA PRO A 13 -1.08 1.52 5.96
C PRO A 13 -1.83 0.63 6.93
N ASP A 14 -3.16 0.70 6.91
CA ASP A 14 -3.96 -0.11 7.80
C ASP A 14 -3.86 -1.58 7.43
N LEU A 15 -3.91 -1.86 6.14
CA LEU A 15 -3.80 -3.20 5.67
C LEU A 15 -2.37 -3.54 5.32
N CYS A 16 -1.74 -2.69 4.54
CA CYS A 16 -0.43 -2.92 4.06
C CYS A 16 0.58 -2.37 5.03
N GLY A 1 -1.44 -6.94 -6.38
CA GLY A 1 -0.42 -6.61 -5.39
C GLY A 1 -0.24 -5.12 -5.31
N CYS A 2 -1.16 -4.44 -4.66
CA CYS A 2 -1.14 -3.00 -4.58
C CYS A 2 -0.20 -2.57 -3.47
N CYS A 3 -0.16 -3.37 -2.44
CA CYS A 3 0.70 -3.12 -1.28
C CYS A 3 2.18 -3.32 -1.64
N SER A 4 2.44 -3.90 -2.79
CA SER A 4 3.78 -4.11 -3.26
C SER A 4 4.21 -2.87 -4.05
N ASP A 5 3.28 -1.98 -4.26
CA ASP A 5 3.51 -0.73 -4.93
C ASP A 5 3.54 0.37 -3.87
N PRO A 6 4.72 0.98 -3.62
CA PRO A 6 4.87 2.01 -2.58
C PRO A 6 3.81 3.15 -2.61
N PRO A 7 3.51 3.81 -3.79
CA PRO A 7 2.49 4.88 -3.85
C PRO A 7 1.11 4.39 -3.39
N CYS A 8 0.79 3.16 -3.69
CA CYS A 8 -0.45 2.57 -3.23
C CYS A 8 -0.34 2.25 -1.74
N ARG A 9 0.68 1.50 -1.37
CA ARG A 9 0.88 1.02 0.01
C ARG A 9 0.85 2.15 1.01
N ASN A 10 1.47 3.22 0.63
CA ASN A 10 1.55 4.44 1.45
C ASN A 10 0.17 5.01 1.80
N LYS A 11 -0.82 4.68 1.03
CA LYS A 11 -2.14 5.12 1.28
C LYS A 11 -2.91 4.06 2.03
N HIS A 12 -2.32 2.90 2.19
CA HIS A 12 -3.00 1.77 2.78
C HIS A 12 -2.18 1.09 3.89
N PRO A 13 -1.61 1.84 4.87
CA PRO A 13 -0.76 1.25 5.90
C PRO A 13 -1.61 0.57 6.99
N ASP A 14 -2.91 0.75 6.89
CA ASP A 14 -3.84 0.20 7.85
C ASP A 14 -4.21 -1.22 7.47
N LEU A 15 -4.46 -1.45 6.18
CA LEU A 15 -4.81 -2.78 5.73
C LEU A 15 -3.58 -3.60 5.38
N CYS A 16 -2.49 -2.92 5.05
CA CYS A 16 -1.27 -3.60 4.74
C CYS A 16 -0.08 -2.74 5.11
N GLY A 1 -1.23 -6.30 -7.88
CA GLY A 1 -0.78 -6.11 -6.51
C GLY A 1 -0.50 -4.65 -6.23
N CYS A 2 -1.30 -4.06 -5.39
CA CYS A 2 -1.20 -2.66 -5.10
C CYS A 2 -0.47 -2.45 -3.79
N CYS A 3 -0.69 -3.36 -2.87
CA CYS A 3 -0.09 -3.28 -1.52
C CYS A 3 1.44 -3.49 -1.58
N SER A 4 1.89 -4.07 -2.67
CA SER A 4 3.29 -4.32 -2.88
C SER A 4 3.95 -3.11 -3.57
N ASP A 5 3.13 -2.14 -3.91
CA ASP A 5 3.54 -0.93 -4.56
C ASP A 5 3.58 0.18 -3.53
N PRO A 6 4.77 0.71 -3.18
CA PRO A 6 4.90 1.75 -2.16
C PRO A 6 3.93 2.98 -2.31
N PRO A 7 3.83 3.67 -3.51
CA PRO A 7 2.89 4.79 -3.67
C PRO A 7 1.44 4.39 -3.35
N CYS A 8 1.06 3.19 -3.74
CA CYS A 8 -0.25 2.69 -3.40
C CYS A 8 -0.31 2.36 -1.91
N ARG A 9 0.63 1.56 -1.47
CA ARG A 9 0.73 1.04 -0.09
C ARG A 9 0.65 2.12 0.94
N ASN A 10 1.34 3.19 0.68
CA ASN A 10 1.41 4.32 1.60
C ASN A 10 0.06 5.05 1.79
N LYS A 11 -0.93 4.71 0.97
CA LYS A 11 -2.25 5.23 1.13
C LYS A 11 -3.12 4.20 1.83
N HIS A 12 -2.53 3.07 2.15
CA HIS A 12 -3.25 1.94 2.71
C HIS A 12 -2.49 1.30 3.90
N PRO A 13 -2.03 2.09 4.92
CA PRO A 13 -1.23 1.58 6.03
C PRO A 13 -2.11 0.83 7.05
N ASP A 14 -3.33 0.59 6.65
CA ASP A 14 -4.30 -0.13 7.43
C ASP A 14 -4.01 -1.61 7.32
N LEU A 15 -3.80 -2.05 6.11
CA LEU A 15 -3.56 -3.44 5.85
C LEU A 15 -2.14 -3.66 5.37
N CYS A 16 -1.52 -2.62 4.91
CA CYS A 16 -0.19 -2.68 4.45
C CYS A 16 0.76 -2.13 5.51
N GLY A 1 0.31 -4.92 -7.69
CA GLY A 1 -0.23 -5.15 -6.36
C GLY A 1 -0.04 -3.94 -5.49
N CYS A 2 -1.08 -3.55 -4.76
CA CYS A 2 -1.06 -2.34 -3.95
C CYS A 2 -0.03 -2.41 -2.86
N CYS A 3 -0.04 -3.49 -2.14
CA CYS A 3 0.91 -3.66 -1.04
C CYS A 3 2.35 -3.90 -1.56
N SER A 4 2.47 -4.21 -2.83
CA SER A 4 3.76 -4.37 -3.45
C SER A 4 4.11 -3.10 -4.22
N ASP A 5 3.30 -2.08 -4.07
CA ASP A 5 3.51 -0.83 -4.75
C ASP A 5 3.45 0.31 -3.77
N PRO A 6 4.62 0.82 -3.36
CA PRO A 6 4.73 1.89 -2.36
C PRO A 6 3.72 3.05 -2.51
N PRO A 7 3.54 3.69 -3.72
CA PRO A 7 2.58 4.81 -3.89
C PRO A 7 1.12 4.40 -3.65
N CYS A 8 0.86 3.12 -3.61
CA CYS A 8 -0.46 2.64 -3.31
C CYS A 8 -0.51 2.30 -1.83
N ARG A 9 0.49 1.56 -1.40
CA ARG A 9 0.60 1.04 -0.05
C ARG A 9 0.61 2.13 0.98
N ASN A 10 1.30 3.19 0.69
CA ASN A 10 1.40 4.31 1.64
C ASN A 10 0.04 5.04 1.84
N LYS A 11 -0.95 4.71 1.03
CA LYS A 11 -2.29 5.22 1.22
C LYS A 11 -3.11 4.21 2.01
N HIS A 12 -2.53 3.04 2.19
CA HIS A 12 -3.21 1.92 2.81
C HIS A 12 -2.31 1.19 3.85
N PRO A 13 -1.70 1.92 4.82
CA PRO A 13 -0.76 1.31 5.77
C PRO A 13 -1.48 0.43 6.81
N ASP A 14 -2.74 0.71 7.04
CA ASP A 14 -3.53 -0.06 7.99
C ASP A 14 -4.14 -1.28 7.32
N LEU A 15 -4.08 -1.27 6.00
CA LEU A 15 -4.57 -2.33 5.20
C LEU A 15 -3.45 -3.33 5.02
N CYS A 16 -2.29 -2.84 4.66
CA CYS A 16 -1.14 -3.67 4.51
C CYS A 16 0.10 -2.88 4.91
N GLY A 1 -1.38 -6.45 -7.45
CA GLY A 1 -1.12 -6.18 -6.04
C GLY A 1 -0.73 -4.75 -5.83
N CYS A 2 -1.56 -3.99 -5.16
CA CYS A 2 -1.33 -2.59 -4.97
C CYS A 2 -0.45 -2.38 -3.76
N CYS A 3 -0.56 -3.27 -2.81
CA CYS A 3 0.24 -3.23 -1.58
C CYS A 3 1.71 -3.59 -1.87
N SER A 4 1.96 -4.08 -3.07
CA SER A 4 3.28 -4.43 -3.50
C SER A 4 3.92 -3.19 -4.13
N ASP A 5 3.13 -2.14 -4.25
CA ASP A 5 3.57 -0.88 -4.78
C ASP A 5 3.62 0.14 -3.66
N PRO A 6 4.82 0.57 -3.24
CA PRO A 6 5.00 1.54 -2.15
C PRO A 6 4.13 2.82 -2.23
N PRO A 7 4.05 3.56 -3.40
CA PRO A 7 3.18 4.74 -3.51
C PRO A 7 1.73 4.41 -3.18
N CYS A 8 1.24 3.27 -3.69
CA CYS A 8 -0.12 2.83 -3.38
C CYS A 8 -0.23 2.44 -1.91
N ARG A 9 0.74 1.65 -1.44
CA ARG A 9 0.80 1.13 -0.05
C ARG A 9 0.68 2.28 0.92
N ASN A 10 1.31 3.38 0.57
CA ASN A 10 1.25 4.63 1.37
C ASN A 10 -0.17 5.09 1.69
N LYS A 11 -1.11 4.75 0.84
CA LYS A 11 -2.49 5.12 1.00
C LYS A 11 -3.23 4.05 1.76
N HIS A 12 -2.56 2.95 2.01
CA HIS A 12 -3.19 1.80 2.63
C HIS A 12 -2.37 1.34 3.81
N PRO A 13 -2.35 2.11 4.90
CA PRO A 13 -1.52 1.81 6.05
C PRO A 13 -2.16 0.82 6.99
N ASP A 14 -3.46 0.62 6.88
CA ASP A 14 -4.16 -0.26 7.80
C ASP A 14 -3.86 -1.72 7.54
N LEU A 15 -4.01 -2.13 6.30
CA LEU A 15 -3.77 -3.52 5.99
C LEU A 15 -2.31 -3.77 5.65
N CYS A 16 -1.61 -2.72 5.35
CA CYS A 16 -0.24 -2.78 5.03
C CYS A 16 0.56 -1.81 5.89
N GLY A 1 2.00 -7.11 -5.92
CA GLY A 1 0.63 -6.60 -5.86
C GLY A 1 0.63 -5.14 -5.57
N CYS A 2 -0.48 -4.62 -5.10
CA CYS A 2 -0.60 -3.21 -4.84
C CYS A 2 0.07 -2.91 -3.51
N CYS A 3 0.04 -3.88 -2.63
CA CYS A 3 0.67 -3.78 -1.31
C CYS A 3 2.21 -3.86 -1.49
N SER A 4 2.65 -4.15 -2.70
CA SER A 4 4.04 -4.17 -3.06
C SER A 4 4.42 -2.83 -3.72
N ASP A 5 3.44 -2.02 -4.03
CA ASP A 5 3.67 -0.79 -4.77
C ASP A 5 3.37 0.43 -3.90
N PRO A 6 4.39 1.29 -3.66
CA PRO A 6 4.31 2.45 -2.75
C PRO A 6 3.00 3.29 -2.78
N PRO A 7 2.49 3.79 -3.96
CA PRO A 7 1.24 4.59 -4.02
C PRO A 7 0.09 3.96 -3.25
N CYS A 8 -0.08 2.66 -3.41
CA CYS A 8 -1.17 2.00 -2.78
C CYS A 8 -0.74 1.20 -1.55
N ARG A 9 0.40 1.55 -1.01
CA ARG A 9 0.90 0.97 0.21
C ARG A 9 1.12 2.04 1.26
N ASN A 10 1.91 3.01 0.88
CA ASN A 10 2.34 4.12 1.74
C ASN A 10 1.17 4.98 2.18
N LYS A 11 0.14 4.99 1.38
CA LYS A 11 -1.07 5.71 1.67
C LYS A 11 -2.11 4.81 2.31
N HIS A 12 -1.73 3.56 2.55
CA HIS A 12 -2.68 2.56 3.06
C HIS A 12 -2.02 1.73 4.13
N PRO A 13 -1.88 2.27 5.34
CA PRO A 13 -1.18 1.58 6.40
C PRO A 13 -2.03 0.51 7.08
N ASP A 14 -3.33 0.65 6.98
CA ASP A 14 -4.22 -0.28 7.67
C ASP A 14 -4.36 -1.57 6.89
N LEU A 15 -4.55 -1.48 5.60
CA LEU A 15 -4.76 -2.67 4.79
C LEU A 15 -3.44 -3.25 4.28
N CYS A 16 -2.39 -2.46 4.34
CA CYS A 16 -1.11 -2.91 3.86
C CYS A 16 -0.04 -2.52 4.86
N GLY A 1 0.47 -6.58 -6.82
CA GLY A 1 -0.32 -6.03 -5.73
C GLY A 1 -0.17 -4.54 -5.68
N CYS A 2 -1.26 -3.83 -5.39
CA CYS A 2 -1.22 -2.38 -5.33
C CYS A 2 -0.60 -1.98 -4.01
N CYS A 3 -1.11 -2.56 -2.96
CA CYS A 3 -0.71 -2.26 -1.60
C CYS A 3 0.71 -2.81 -1.35
N SER A 4 1.16 -3.64 -2.23
CA SER A 4 2.45 -4.22 -2.14
C SER A 4 3.49 -3.32 -2.85
N ASP A 5 3.00 -2.25 -3.47
CA ASP A 5 3.85 -1.29 -4.15
C ASP A 5 3.77 0.04 -3.41
N PRO A 6 4.93 0.56 -2.91
CA PRO A 6 5.02 1.77 -2.06
C PRO A 6 4.05 2.96 -2.35
N PRO A 7 3.95 3.51 -3.61
CA PRO A 7 3.04 4.64 -3.90
C PRO A 7 1.58 4.31 -3.59
N CYS A 8 1.20 3.06 -3.71
CA CYS A 8 -0.15 2.66 -3.40
C CYS A 8 -0.23 2.23 -1.95
N ARG A 9 0.83 1.59 -1.47
CA ARG A 9 0.96 1.11 -0.08
C ARG A 9 0.82 2.26 0.88
N ASN A 10 1.34 3.37 0.47
CA ASN A 10 1.29 4.65 1.20
C ASN A 10 -0.15 5.05 1.53
N LYS A 11 -1.05 4.65 0.67
CA LYS A 11 -2.43 4.94 0.81
C LYS A 11 -3.12 3.85 1.61
N HIS A 12 -2.41 2.82 1.98
CA HIS A 12 -3.04 1.67 2.63
C HIS A 12 -2.25 1.16 3.85
N PRO A 13 -2.17 1.95 4.93
CA PRO A 13 -1.45 1.55 6.15
C PRO A 13 -2.29 0.57 7.00
N ASP A 14 -3.55 0.40 6.59
CA ASP A 14 -4.48 -0.51 7.27
C ASP A 14 -3.99 -1.94 7.18
N LEU A 15 -3.53 -2.33 6.02
CA LEU A 15 -3.06 -3.67 5.82
C LEU A 15 -1.56 -3.71 5.60
N CYS A 16 -1.02 -2.78 4.86
CA CYS A 16 0.37 -2.76 4.60
C CYS A 16 1.04 -1.70 5.47
N GLY A 1 -0.71 -5.18 -7.79
CA GLY A 1 -0.94 -5.29 -6.36
C GLY A 1 -0.61 -3.99 -5.66
N CYS A 2 -1.57 -3.47 -4.93
CA CYS A 2 -1.45 -2.18 -4.26
C CYS A 2 -0.45 -2.23 -3.15
N CYS A 3 -0.58 -3.21 -2.30
CA CYS A 3 0.28 -3.33 -1.13
C CYS A 3 1.72 -3.70 -1.53
N SER A 4 1.90 -4.14 -2.76
CA SER A 4 3.21 -4.48 -3.28
C SER A 4 3.84 -3.22 -3.93
N ASP A 5 3.04 -2.19 -4.06
CA ASP A 5 3.46 -0.94 -4.66
C ASP A 5 3.52 0.13 -3.59
N PRO A 6 4.71 0.61 -3.22
CA PRO A 6 4.89 1.61 -2.16
C PRO A 6 4.00 2.87 -2.27
N PRO A 7 3.88 3.56 -3.46
CA PRO A 7 2.98 4.71 -3.60
C PRO A 7 1.53 4.37 -3.26
N CYS A 8 1.07 3.20 -3.72
CA CYS A 8 -0.28 2.75 -3.44
C CYS A 8 -0.40 2.39 -1.96
N ARG A 9 0.58 1.61 -1.47
CA ARG A 9 0.64 1.15 -0.06
C ARG A 9 0.62 2.31 0.89
N ASN A 10 1.29 3.34 0.49
CA ASN A 10 1.39 4.59 1.25
C ASN A 10 0.02 5.17 1.60
N LYS A 11 -0.94 4.89 0.77
CA LYS A 11 -2.28 5.35 0.95
C LYS A 11 -3.10 4.32 1.69
N HIS A 12 -2.48 3.20 2.04
CA HIS A 12 -3.19 2.09 2.66
C HIS A 12 -2.35 1.40 3.75
N PRO A 13 -2.08 2.09 4.88
CA PRO A 13 -1.31 1.52 5.98
C PRO A 13 -2.17 0.55 6.79
N ASP A 14 -3.44 0.54 6.45
CA ASP A 14 -4.47 -0.30 7.05
C ASP A 14 -4.13 -1.78 6.94
N LEU A 15 -3.80 -2.21 5.75
CA LEU A 15 -3.53 -3.61 5.52
C LEU A 15 -2.04 -3.87 5.42
N CYS A 16 -1.30 -2.84 5.16
CA CYS A 16 0.11 -2.93 5.05
C CYS A 16 0.75 -2.30 6.28
N GLY A 1 0.22 -6.17 -7.11
CA GLY A 1 -0.22 -6.04 -5.73
C GLY A 1 -0.03 -4.64 -5.23
N CYS A 2 -1.09 -4.02 -4.75
CA CYS A 2 -1.05 -2.63 -4.25
C CYS A 2 -0.11 -2.51 -3.08
N CYS A 3 -0.13 -3.49 -2.23
CA CYS A 3 0.73 -3.50 -1.05
C CYS A 3 2.20 -3.63 -1.42
N SER A 4 2.47 -4.03 -2.64
CA SER A 4 3.82 -4.15 -3.11
C SER A 4 4.20 -2.88 -3.88
N ASP A 5 3.24 -2.02 -4.09
CA ASP A 5 3.41 -0.77 -4.81
C ASP A 5 3.49 0.37 -3.81
N PRO A 6 4.68 0.95 -3.59
CA PRO A 6 4.88 2.03 -2.61
C PRO A 6 3.84 3.19 -2.67
N PRO A 7 3.55 3.80 -3.89
CA PRO A 7 2.57 4.89 -3.98
C PRO A 7 1.22 4.54 -3.36
N CYS A 8 0.67 3.37 -3.67
CA CYS A 8 -0.61 3.05 -3.11
C CYS A 8 -0.49 2.37 -1.76
N ARG A 9 0.67 1.78 -1.45
CA ARG A 9 0.87 1.12 -0.15
C ARG A 9 0.84 2.17 0.92
N ASN A 10 1.42 3.29 0.61
CA ASN A 10 1.42 4.44 1.53
C ASN A 10 -0.02 4.94 1.81
N LYS A 11 -0.94 4.58 0.94
CA LYS A 11 -2.34 4.90 1.08
C LYS A 11 -3.04 3.82 1.87
N HIS A 12 -2.37 2.71 2.06
CA HIS A 12 -2.98 1.56 2.70
C HIS A 12 -2.07 0.93 3.78
N PRO A 13 -1.51 1.72 4.73
CA PRO A 13 -0.62 1.17 5.74
C PRO A 13 -1.38 0.40 6.85
N ASP A 14 -2.64 0.73 7.02
CA ASP A 14 -3.44 0.10 8.04
C ASP A 14 -4.13 -1.11 7.46
N LEU A 15 -4.18 -1.16 6.14
CA LEU A 15 -4.83 -2.21 5.44
C LEU A 15 -3.83 -3.33 5.25
N CYS A 16 -2.63 -2.94 4.83
CA CYS A 16 -1.51 -3.85 4.60
C CYS A 16 -0.20 -3.28 5.16
N GLY A 1 0.16 -7.04 -6.70
CA GLY A 1 0.13 -6.68 -5.29
C GLY A 1 0.24 -5.19 -5.11
N CYS A 2 -0.80 -4.59 -4.58
CA CYS A 2 -0.85 -3.15 -4.35
C CYS A 2 0.08 -2.82 -3.19
N CYS A 3 0.22 -3.78 -2.31
CA CYS A 3 1.08 -3.66 -1.15
C CYS A 3 2.57 -3.84 -1.57
N SER A 4 2.79 -4.09 -2.83
CA SER A 4 4.11 -4.18 -3.39
C SER A 4 4.37 -2.92 -4.20
N ASP A 5 3.40 -2.03 -4.18
CA ASP A 5 3.48 -0.79 -4.89
C ASP A 5 3.32 0.36 -3.91
N PRO A 6 4.44 1.04 -3.58
CA PRO A 6 4.46 2.13 -2.59
C PRO A 6 3.33 3.18 -2.73
N PRO A 7 3.01 3.73 -3.95
CA PRO A 7 1.91 4.71 -4.12
C PRO A 7 0.60 4.26 -3.46
N CYS A 8 0.16 3.03 -3.72
CA CYS A 8 -1.11 2.59 -3.17
C CYS A 8 -0.93 1.80 -1.87
N ARG A 9 0.25 1.86 -1.31
CA ARG A 9 0.50 1.15 -0.08
C ARG A 9 0.76 2.13 1.02
N ASN A 10 1.63 3.07 0.75
CA ASN A 10 2.07 4.08 1.72
C ASN A 10 0.91 4.93 2.23
N LYS A 11 -0.11 5.05 1.43
CA LYS A 11 -1.29 5.76 1.80
C LYS A 11 -2.29 4.84 2.47
N HIS A 12 -1.98 3.57 2.52
CA HIS A 12 -2.91 2.58 3.01
C HIS A 12 -2.26 1.58 3.97
N PRO A 13 -1.64 2.06 5.09
CA PRO A 13 -1.00 1.16 6.04
C PRO A 13 -2.05 0.53 6.98
N ASP A 14 -3.29 0.76 6.63
CA ASP A 14 -4.44 0.26 7.35
C ASP A 14 -4.65 -1.21 7.06
N LEU A 15 -4.44 -1.60 5.82
CA LEU A 15 -4.64 -2.97 5.44
C LEU A 15 -3.33 -3.72 5.25
N CYS A 16 -2.34 -3.06 4.69
CA CYS A 16 -1.07 -3.72 4.48
C CYS A 16 0.04 -2.68 4.56
N GLY A 1 -0.82 -6.35 -6.37
CA GLY A 1 -0.46 -6.21 -4.98
C GLY A 1 -0.25 -4.76 -4.60
N CYS A 2 -1.16 -4.22 -3.82
CA CYS A 2 -1.10 -2.82 -3.43
C CYS A 2 0.03 -2.64 -2.45
N CYS A 3 0.19 -3.61 -1.60
CA CYS A 3 1.26 -3.56 -0.63
C CYS A 3 2.64 -3.65 -1.33
N SER A 4 2.64 -4.18 -2.54
CA SER A 4 3.82 -4.30 -3.36
C SER A 4 3.99 -3.03 -4.22
N ASP A 5 3.06 -2.12 -4.08
CA ASP A 5 3.08 -0.89 -4.84
C ASP A 5 3.15 0.29 -3.90
N PRO A 6 4.36 0.85 -3.69
CA PRO A 6 4.57 1.98 -2.79
C PRO A 6 3.57 3.14 -2.95
N PRO A 7 3.24 3.64 -4.20
CA PRO A 7 2.23 4.69 -4.41
C PRO A 7 0.94 4.44 -3.63
N CYS A 8 0.38 3.25 -3.73
CA CYS A 8 -0.85 3.01 -3.01
C CYS A 8 -0.58 2.56 -1.58
N ARG A 9 0.48 1.80 -1.36
CA ARG A 9 0.79 1.26 -0.02
C ARG A 9 1.06 2.39 0.97
N ASN A 10 1.66 3.42 0.45
CA ASN A 10 1.92 4.66 1.21
C ASN A 10 0.62 5.30 1.69
N LYS A 11 -0.45 5.00 1.02
CA LYS A 11 -1.72 5.51 1.38
C LYS A 11 -2.47 4.51 2.23
N HIS A 12 -1.94 3.30 2.35
CA HIS A 12 -2.70 2.23 2.99
C HIS A 12 -1.90 1.43 4.03
N PRO A 13 -1.78 1.95 5.25
CA PRO A 13 -1.09 1.26 6.33
C PRO A 13 -2.00 0.22 7.02
N ASP A 14 -3.29 0.34 6.81
CA ASP A 14 -4.27 -0.54 7.45
C ASP A 14 -4.59 -1.73 6.54
N LEU A 15 -4.31 -1.58 5.27
CA LEU A 15 -4.57 -2.61 4.33
C LEU A 15 -3.37 -3.53 4.28
N CYS A 16 -2.22 -3.00 4.61
CA CYS A 16 -1.03 -3.79 4.72
C CYS A 16 -0.21 -3.26 5.88
N GLY A 1 -1.23 -4.95 -8.26
CA GLY A 1 -0.29 -4.98 -7.14
C GLY A 1 -0.43 -3.73 -6.32
N CYS A 2 -0.91 -3.85 -5.12
CA CYS A 2 -1.15 -2.70 -4.30
C CYS A 2 -0.17 -2.67 -3.15
N CYS A 3 -0.20 -3.71 -2.36
CA CYS A 3 0.60 -3.79 -1.14
C CYS A 3 2.13 -3.71 -1.40
N SER A 4 2.57 -4.15 -2.56
CA SER A 4 3.96 -4.09 -2.91
C SER A 4 4.30 -2.76 -3.60
N ASP A 5 3.28 -2.03 -3.98
CA ASP A 5 3.45 -0.80 -4.73
C ASP A 5 3.35 0.38 -3.77
N PRO A 6 4.45 1.12 -3.55
CA PRO A 6 4.51 2.24 -2.59
C PRO A 6 3.30 3.23 -2.60
N PRO A 7 2.83 3.77 -3.76
CA PRO A 7 1.66 4.67 -3.79
C PRO A 7 0.38 3.96 -3.34
N CYS A 8 0.36 2.65 -3.44
CA CYS A 8 -0.80 1.86 -3.06
C CYS A 8 -0.50 1.17 -1.72
N ARG A 9 0.56 1.59 -1.07
CA ARG A 9 0.95 1.01 0.17
C ARG A 9 0.96 2.04 1.25
N ASN A 10 1.73 3.07 1.04
CA ASN A 10 1.93 4.10 2.05
C ASN A 10 0.69 4.96 2.25
N LYS A 11 -0.22 4.90 1.31
CA LYS A 11 -1.48 5.57 1.40
C LYS A 11 -2.51 4.61 1.97
N HIS A 12 -2.08 3.41 2.25
CA HIS A 12 -2.96 2.32 2.68
C HIS A 12 -2.24 1.51 3.79
N PRO A 13 -1.78 2.16 4.88
CA PRO A 13 -0.93 1.52 5.88
C PRO A 13 -1.66 0.50 6.75
N ASP A 14 -2.97 0.62 6.82
CA ASP A 14 -3.75 -0.26 7.67
C ASP A 14 -4.11 -1.55 6.95
N LEU A 15 -4.31 -1.49 5.65
CA LEU A 15 -4.62 -2.68 4.90
C LEU A 15 -3.34 -3.34 4.39
N CYS A 16 -2.28 -2.55 4.33
CA CYS A 16 -0.97 -3.04 3.96
C CYS A 16 0.09 -2.37 4.82
N GLY A 1 0.63 -7.01 -7.74
CA GLY A 1 0.34 -6.72 -6.33
C GLY A 1 0.39 -5.24 -6.09
N CYS A 2 -0.70 -4.68 -5.59
CA CYS A 2 -0.80 -3.23 -5.45
C CYS A 2 -0.09 -2.81 -4.19
N CYS A 3 -0.15 -3.65 -3.19
CA CYS A 3 0.51 -3.38 -1.92
C CYS A 3 2.03 -3.60 -2.05
N SER A 4 2.46 -4.05 -3.22
CA SER A 4 3.87 -4.17 -3.52
C SER A 4 4.34 -2.84 -4.13
N ASP A 5 3.38 -1.97 -4.41
CA ASP A 5 3.63 -0.65 -4.94
C ASP A 5 3.53 0.36 -3.81
N PRO A 6 4.63 1.08 -3.51
CA PRO A 6 4.67 2.05 -2.40
C PRO A 6 3.51 3.06 -2.33
N PRO A 7 3.13 3.80 -3.43
CA PRO A 7 1.96 4.69 -3.36
C PRO A 7 0.68 3.92 -2.96
N CYS A 8 0.49 2.74 -3.52
CA CYS A 8 -0.70 1.93 -3.22
C CYS A 8 -0.53 1.16 -1.88
N ARG A 9 0.52 1.46 -1.16
CA ARG A 9 0.78 0.83 0.12
C ARG A 9 0.80 1.87 1.21
N ASN A 10 1.53 2.93 0.95
CA ASN A 10 1.74 4.05 1.89
C ASN A 10 0.45 4.82 2.17
N LYS A 11 -0.49 4.71 1.28
CA LYS A 11 -1.78 5.34 1.43
C LYS A 11 -2.72 4.38 2.15
N HIS A 12 -2.21 3.21 2.43
CA HIS A 12 -2.99 2.16 3.03
C HIS A 12 -2.26 1.54 4.22
N PRO A 13 -1.78 2.34 5.23
CA PRO A 13 -1.06 1.78 6.37
C PRO A 13 -2.00 0.96 7.26
N ASP A 14 -3.27 1.07 6.97
CA ASP A 14 -4.29 0.34 7.68
C ASP A 14 -4.26 -1.14 7.32
N LEU A 15 -4.36 -1.45 6.03
CA LEU A 15 -4.37 -2.82 5.59
C LEU A 15 -2.98 -3.31 5.19
N CYS A 16 -2.13 -2.39 4.80
CA CYS A 16 -0.78 -2.70 4.46
C CYS A 16 0.15 -2.33 5.63
N GLY A 1 -0.07 -6.59 -5.93
CA GLY A 1 -1.13 -5.74 -5.37
C GLY A 1 -0.57 -4.45 -4.81
N CYS A 2 -1.42 -3.69 -4.15
CA CYS A 2 -1.10 -2.35 -3.63
C CYS A 2 -0.04 -2.43 -2.56
N CYS A 3 -0.14 -3.43 -1.74
CA CYS A 3 0.80 -3.64 -0.64
C CYS A 3 2.25 -3.89 -1.16
N SER A 4 2.38 -4.27 -2.39
CA SER A 4 3.68 -4.47 -2.97
C SER A 4 4.03 -3.30 -3.88
N ASP A 5 3.18 -2.30 -3.90
CA ASP A 5 3.35 -1.17 -4.78
C ASP A 5 3.33 0.13 -3.99
N PRO A 6 4.53 0.68 -3.69
CA PRO A 6 4.71 1.87 -2.84
C PRO A 6 3.74 3.07 -3.09
N PRO A 7 3.54 3.55 -4.39
CA PRO A 7 2.68 4.71 -4.68
C PRO A 7 1.31 4.66 -4.00
N CYS A 8 0.67 3.51 -3.98
CA CYS A 8 -0.60 3.45 -3.32
C CYS A 8 -0.43 2.97 -1.88
N ARG A 9 0.58 2.12 -1.64
CA ARG A 9 0.84 1.50 -0.32
C ARG A 9 0.95 2.54 0.79
N ASN A 10 1.55 3.64 0.45
CA ASN A 10 1.69 4.78 1.39
C ASN A 10 0.36 5.32 1.91
N LYS A 11 -0.68 5.08 1.17
CA LYS A 11 -1.99 5.50 1.55
C LYS A 11 -2.71 4.39 2.26
N HIS A 12 -2.11 3.23 2.29
CA HIS A 12 -2.79 2.06 2.81
C HIS A 12 -1.96 1.32 3.85
N PRO A 13 -1.89 1.84 5.08
CA PRO A 13 -1.18 1.19 6.14
C PRO A 13 -2.09 0.26 6.95
N ASP A 14 -3.39 0.32 6.66
CA ASP A 14 -4.38 -0.45 7.39
C ASP A 14 -4.34 -1.92 7.03
N LEU A 15 -4.49 -2.24 5.75
CA LEU A 15 -4.45 -3.63 5.34
C LEU A 15 -3.03 -4.05 5.02
N CYS A 16 -2.16 -3.08 4.86
CA CYS A 16 -0.79 -3.34 4.54
C CYS A 16 0.10 -2.68 5.59
N GLY A 1 -0.59 -6.96 -7.04
CA GLY A 1 -0.08 -6.58 -5.71
C GLY A 1 0.06 -5.08 -5.59
N CYS A 2 -1.05 -4.39 -5.37
CA CYS A 2 -1.06 -2.94 -5.27
C CYS A 2 -0.42 -2.54 -3.96
N CYS A 3 -0.73 -3.32 -2.95
CA CYS A 3 -0.24 -3.11 -1.58
C CYS A 3 1.27 -3.38 -1.48
N SER A 4 1.83 -3.95 -2.52
CA SER A 4 3.24 -4.20 -2.54
C SER A 4 3.96 -2.98 -3.13
N ASP A 5 3.20 -2.15 -3.82
CA ASP A 5 3.73 -1.01 -4.53
C ASP A 5 3.62 0.25 -3.67
N PRO A 6 4.77 0.89 -3.34
CA PRO A 6 4.86 2.07 -2.43
C PRO A 6 3.70 3.13 -2.51
N PRO A 7 3.35 3.72 -3.69
CA PRO A 7 2.28 4.72 -3.75
C PRO A 7 0.91 4.12 -3.39
N CYS A 8 0.76 2.83 -3.57
CA CYS A 8 -0.46 2.15 -3.25
C CYS A 8 -0.25 1.36 -1.94
N ARG A 9 0.79 1.71 -1.22
CA ARG A 9 1.08 1.08 0.04
C ARG A 9 0.98 2.13 1.13
N ASN A 10 1.62 3.25 0.85
CA ASN A 10 1.66 4.43 1.74
C ASN A 10 0.27 4.96 2.08
N LYS A 11 -0.62 4.84 1.16
CA LYS A 11 -1.97 5.32 1.29
C LYS A 11 -2.87 4.28 1.90
N HIS A 12 -2.30 3.18 2.30
CA HIS A 12 -3.06 2.05 2.79
C HIS A 12 -2.40 1.41 4.02
N PRO A 13 -2.03 2.20 5.08
CA PRO A 13 -1.28 1.68 6.24
C PRO A 13 -2.05 0.65 7.07
N ASP A 14 -3.36 0.59 6.90
CA ASP A 14 -4.17 -0.38 7.65
C ASP A 14 -3.97 -1.76 7.09
N LEU A 15 -3.97 -1.87 5.78
CA LEU A 15 -3.80 -3.14 5.14
C LEU A 15 -2.35 -3.42 4.85
N CYS A 16 -1.64 -2.41 4.45
CA CYS A 16 -0.26 -2.52 4.15
C CYS A 16 0.54 -2.20 5.40
N GLY A 1 0.43 -7.05 -5.59
CA GLY A 1 -0.82 -6.31 -5.69
C GLY A 1 -0.56 -4.83 -5.74
N CYS A 2 -1.49 -4.03 -5.31
CA CYS A 2 -1.29 -2.59 -5.32
C CYS A 2 -0.56 -2.21 -4.05
N CYS A 3 -0.97 -2.82 -2.98
CA CYS A 3 -0.45 -2.49 -1.65
C CYS A 3 0.99 -3.01 -1.45
N SER A 4 1.50 -3.73 -2.40
CA SER A 4 2.87 -4.14 -2.34
C SER A 4 3.74 -3.08 -3.03
N ASP A 5 3.09 -2.19 -3.77
CA ASP A 5 3.77 -1.12 -4.49
C ASP A 5 3.75 0.13 -3.62
N PRO A 6 4.93 0.66 -3.23
CA PRO A 6 5.08 1.78 -2.29
C PRO A 6 4.07 2.96 -2.42
N PRO A 7 3.95 3.69 -3.58
CA PRO A 7 3.01 4.83 -3.70
C PRO A 7 1.56 4.44 -3.43
N CYS A 8 1.23 3.19 -3.66
CA CYS A 8 -0.11 2.71 -3.40
C CYS A 8 -0.21 2.28 -1.95
N ARG A 9 0.82 1.61 -1.46
CA ARG A 9 0.91 1.10 -0.09
C ARG A 9 0.77 2.21 0.92
N ASN A 10 1.36 3.34 0.58
CA ASN A 10 1.25 4.58 1.39
C ASN A 10 -0.19 5.00 1.66
N LYS A 11 -1.08 4.63 0.79
CA LYS A 11 -2.47 4.96 0.91
C LYS A 11 -3.21 3.87 1.64
N HIS A 12 -2.52 2.79 1.95
CA HIS A 12 -3.13 1.64 2.56
C HIS A 12 -2.30 1.09 3.75
N PRO A 13 -1.91 1.95 4.75
CA PRO A 13 -1.12 1.49 5.91
C PRO A 13 -2.01 0.71 6.90
N ASP A 14 -3.25 0.56 6.49
CA ASP A 14 -4.27 -0.16 7.22
C ASP A 14 -3.92 -1.63 7.25
N LEU A 15 -3.86 -2.24 6.09
CA LEU A 15 -3.53 -3.64 6.00
C LEU A 15 -2.03 -3.82 5.86
N CYS A 16 -1.39 -2.91 5.16
CA CYS A 16 0.01 -2.95 5.00
C CYS A 16 0.69 -2.07 6.04
#